data_8ZIZ
#
_entry.id   8ZIZ
#
_cell.length_a   1.00
_cell.length_b   1.00
_cell.length_c   1.00
_cell.angle_alpha   90.00
_cell.angle_beta   90.00
_cell.angle_gamma   90.00
#
_symmetry.space_group_name_H-M   'P 1'
#
loop_
_entity.id
_entity.type
_entity.pdbx_description
1 polymer 'Enteropeptidase non-catalytic heavy chain'
2 polymer 'Enteropeptidase catalytic light chain'
3 branched alpha-D-mannopyranose-(1-6)-beta-D-mannopyranose-(1-4)-2-acetamido-2-deoxy-beta-D-glucopyranose-(1-4)-2-acetamido-2-deoxy-beta-D-glucopyranose
4 branched beta-D-mannopyranose-(1-4)-2-acetamido-2-deoxy-beta-D-glucopyranose-(1-4)-2-acetamido-2-deoxy-beta-D-glucopyranose
5 branched alpha-D-mannopyranose-(1-3)-beta-D-mannopyranose-(1-4)-2-acetamido-2-deoxy-beta-D-glucopyranose-(1-4)-2-acetamido-2-deoxy-beta-D-glucopyranose
6 branched beta-D-mannopyranose-(1-6)-2-acetamido-2-deoxy-beta-D-glucopyranose-(1-4)-2-acetamido-2-deoxy-beta-D-glucopyranose
#
loop_
_entity_poly.entity_id
_entity_poly.type
_entity_poly.pdbx_seq_one_letter_code
_entity_poly.pdbx_strand_id
1 'polypeptide(L)'
;EPTLVPTPPPELPTDCGGPFELWEPNTTFSSTNFPNSYPNLAFCVWILNAQKGKNIQLHFQEFDLENINDVVEIRDGEEA
DSLLLAVYTGPGPVKDVFSTTNRMTVLLITADVLARGGFKANFTTGYHLGIPEPCKADHFQCKNGECVPLVNLCDGHLHC
EDGSDEADCVRFFNGTTNNNGLVRFRIQSIWHTACAENWTTQISNDVCQLLGLGSGNSSKPIFPTDGGPFVKLNTAPDGH
LILTPSQQCLQDSLIRLQCNHKSCGKKLAAQDITPK
;
A
2 'polypeptide(L)'
;IVGGSNAKEGAWPWVVGLYYGGRLLCGASLVSSDWLVSAAACVYGRNLEPSKWTAILGLHMKSNLTSPQTVPRLIDEIVI
NPHYNRRRKDNAIAMMHLEFKVNYTDYIQPICLPEENQVFPPGRNCSIAGWGTVVYQGTTANILQEADVPLLSNERCQQQ
MPEYNITENMICAGYEEGGIDSCQGDAGGPLMCQENNRWFLAGVTSFGYKCALPNRPGVYARVSRFTEWIQSFLH
;
D
#
# COMPACT_ATOMS: atom_id res chain seq x y z
N GLU A 1 -43.19 36.03 -16.69
CA GLU A 1 -41.95 35.78 -17.43
C GLU A 1 -40.88 35.05 -16.59
N PRO A 2 -40.62 35.49 -15.34
CA PRO A 2 -39.63 34.77 -14.52
C PRO A 2 -40.07 33.35 -14.20
N THR A 3 -39.36 32.36 -14.75
CA THR A 3 -39.70 30.96 -14.48
C THR A 3 -39.47 30.61 -13.02
N LEU A 4 -38.40 31.11 -12.42
CA LEU A 4 -38.11 30.81 -11.02
C LEU A 4 -39.12 31.51 -10.12
N VAL A 5 -39.69 30.76 -9.17
CA VAL A 5 -40.66 31.29 -8.22
C VAL A 5 -39.93 32.25 -7.27
N PRO A 6 -40.63 33.22 -6.69
CA PRO A 6 -39.95 34.16 -5.77
C PRO A 6 -39.54 33.50 -4.46
N THR A 7 -38.56 32.60 -4.53
CA THR A 7 -38.02 31.93 -3.37
C THR A 7 -36.51 32.06 -3.35
N PRO A 8 -35.89 32.09 -2.18
CA PRO A 8 -34.43 32.25 -2.11
C PRO A 8 -33.73 30.96 -2.51
N PRO A 9 -32.87 31.02 -3.53
CA PRO A 9 -32.07 29.85 -3.89
C PRO A 9 -30.98 29.60 -2.86
N PRO A 10 -30.36 28.42 -2.86
CA PRO A 10 -29.28 28.15 -1.91
C PRO A 10 -28.18 29.21 -1.99
N GLU A 11 -27.58 29.37 -3.17
CA GLU A 11 -26.63 30.45 -3.46
C GLU A 11 -25.54 30.53 -2.39
N LEU A 12 -24.74 29.47 -2.33
CA LEU A 12 -23.66 29.35 -1.34
C LEU A 12 -22.36 29.07 -2.08
N PRO A 13 -21.77 30.09 -2.70
CA PRO A 13 -20.44 29.91 -3.31
C PRO A 13 -19.35 29.89 -2.25
N THR A 14 -18.18 29.45 -2.67
CA THR A 14 -16.97 29.38 -1.82
C THR A 14 -17.30 28.49 -0.61
N ASP A 15 -16.73 28.81 0.54
CA ASP A 15 -16.89 28.00 1.75
C ASP A 15 -17.61 28.73 2.87
N CYS A 16 -17.13 29.92 3.24
CA CYS A 16 -17.69 30.70 4.34
C CYS A 16 -17.67 29.91 5.65
N GLY A 17 -16.44 29.63 6.10
CA GLY A 17 -16.24 28.87 7.31
C GLY A 17 -16.16 29.71 8.56
N GLY A 18 -15.06 29.62 9.30
CA GLY A 18 -14.90 30.36 10.53
C GLY A 18 -13.46 30.62 10.88
N PRO A 19 -13.11 30.47 12.16
CA PRO A 19 -11.72 30.70 12.58
C PRO A 19 -10.76 29.72 11.92
N PHE A 20 -9.54 30.20 11.67
CA PHE A 20 -8.51 29.42 11.00
C PHE A 20 -7.38 29.01 11.94
N GLU A 21 -6.89 29.93 12.76
CA GLU A 21 -5.76 29.67 13.64
C GLU A 21 -6.15 29.95 15.09
N LEU A 22 -5.78 29.05 15.99
CA LEU A 22 -6.03 29.20 17.41
C LEU A 22 -4.77 28.80 18.17
N TRP A 23 -4.85 28.87 19.50
CA TRP A 23 -3.69 28.57 20.34
C TRP A 23 -4.17 27.82 21.58
N GLU A 24 -3.27 27.69 22.56
CA GLU A 24 -3.57 26.96 23.79
C GLU A 24 -4.73 27.53 24.60
N PRO A 25 -4.82 28.87 24.81
CA PRO A 25 -5.86 29.39 25.73
C PRO A 25 -7.28 28.95 25.39
N ASN A 26 -7.62 28.85 24.11
CA ASN A 26 -8.92 28.35 23.70
C ASN A 26 -8.79 26.92 23.20
N THR A 27 -9.61 26.02 23.74
CA THR A 27 -9.53 24.62 23.39
C THR A 27 -10.78 24.13 22.66
N THR A 28 -11.95 24.33 23.27
CA THR A 28 -13.18 23.79 22.71
C THR A 28 -13.72 24.73 21.63
N PHE A 29 -14.16 24.15 20.52
CA PHE A 29 -14.74 24.92 19.44
C PHE A 29 -15.68 24.05 18.62
N SER A 30 -16.69 24.67 18.03
CA SER A 30 -17.62 24.02 17.13
C SER A 30 -17.47 24.62 15.74
N SER A 31 -17.75 23.82 14.72
CA SER A 31 -17.46 24.22 13.35
C SER A 31 -18.24 25.46 12.92
N THR A 32 -19.55 25.33 12.77
CA THR A 32 -20.41 26.48 12.46
C THR A 32 -21.50 26.68 13.50
N ASN A 33 -22.33 25.65 13.74
CA ASN A 33 -23.43 25.75 14.70
C ASN A 33 -23.69 24.33 15.21
N PHE A 34 -23.11 24.02 16.37
CA PHE A 34 -23.25 22.66 16.90
C PHE A 34 -24.68 22.27 17.24
N PRO A 35 -25.48 23.11 17.94
CA PRO A 35 -26.82 22.64 18.34
C PRO A 35 -27.73 22.24 17.19
N ASN A 36 -27.66 22.89 16.03
CA ASN A 36 -28.67 22.69 15.00
C ASN A 36 -28.13 21.99 13.76
N SER A 37 -27.16 22.57 13.06
CA SER A 37 -26.71 22.04 11.77
C SER A 37 -25.51 22.85 11.29
N TYR A 38 -24.97 22.43 10.15
CA TYR A 38 -23.87 23.11 9.47
C TYR A 38 -24.24 23.36 8.02
N PRO A 39 -23.73 24.44 7.43
CA PRO A 39 -24.06 24.73 6.03
C PRO A 39 -23.49 23.69 5.08
N ASN A 40 -24.20 23.49 3.97
CA ASN A 40 -23.78 22.54 2.96
C ASN A 40 -22.73 23.15 2.04
N LEU A 41 -21.95 22.28 1.40
CA LEU A 41 -20.90 22.68 0.46
C LEU A 41 -19.92 23.66 1.12
N ALA A 42 -19.47 23.31 2.32
CA ALA A 42 -18.56 24.13 3.09
C ALA A 42 -17.20 23.44 3.21
N PHE A 43 -16.15 24.25 3.33
CA PHE A 43 -14.78 23.73 3.46
C PHE A 43 -14.02 24.70 4.38
N CYS A 44 -13.98 24.39 5.66
CA CYS A 44 -13.33 25.21 6.67
C CYS A 44 -12.12 24.48 7.23
N VAL A 45 -11.04 25.22 7.43
CA VAL A 45 -9.76 24.66 7.85
C VAL A 45 -9.36 25.31 9.17
N TRP A 46 -9.02 24.49 10.17
CA TRP A 46 -8.51 24.94 11.44
C TRP A 46 -7.04 24.57 11.58
N ILE A 47 -6.24 25.49 12.08
CA ILE A 47 -4.82 25.28 12.28
C ILE A 47 -4.55 25.32 13.78
N LEU A 48 -3.99 24.23 14.30
CA LEU A 48 -3.69 24.12 15.73
C LEU A 48 -2.19 24.36 15.92
N ASN A 49 -1.86 25.50 16.52
CA ASN A 49 -0.47 25.87 16.75
C ASN A 49 -0.01 25.39 18.13
N ALA A 50 1.29 25.14 18.24
CA ALA A 50 1.86 24.68 19.50
C ALA A 50 3.33 25.07 19.54
N GLN A 51 3.91 25.04 20.73
CA GLN A 51 5.32 25.36 20.90
C GLN A 51 6.20 24.33 20.23
N LYS A 52 7.40 24.76 19.83
CA LYS A 52 8.35 23.88 19.17
C LYS A 52 8.74 22.72 20.09
N GLY A 53 8.72 21.51 19.55
CA GLY A 53 9.08 20.33 20.32
C GLY A 53 7.96 19.74 21.14
N LYS A 54 6.73 20.23 21.00
CA LYS A 54 5.59 19.72 21.75
C LYS A 54 4.58 19.08 20.80
N ASN A 55 4.00 17.97 21.23
CA ASN A 55 3.00 17.27 20.45
C ASN A 55 1.60 17.78 20.79
N ILE A 56 0.64 17.42 19.94
CA ILE A 56 -0.75 17.86 20.07
C ILE A 56 -1.64 16.63 20.13
N GLN A 57 -2.51 16.58 21.13
CA GLN A 57 -3.49 15.50 21.28
C GLN A 57 -4.88 16.07 21.11
N LEU A 58 -5.66 15.47 20.21
CA LEU A 58 -7.00 15.94 19.87
C LEU A 58 -8.04 14.91 20.28
N HIS A 59 -9.13 15.39 20.87
CA HIS A 59 -10.24 14.54 21.29
C HIS A 59 -11.55 15.18 20.89
N PHE A 60 -12.57 14.35 20.68
CA PHE A 60 -13.90 14.81 20.29
C PHE A 60 -14.91 14.40 21.36
N GLN A 61 -15.59 15.40 21.93
CA GLN A 61 -16.62 15.12 22.92
C GLN A 61 -17.84 14.48 22.28
N GLU A 62 -18.31 15.04 21.16
CA GLU A 62 -19.41 14.47 20.40
C GLU A 62 -19.05 14.48 18.93
N PHE A 63 -19.53 13.47 18.20
CA PHE A 63 -19.23 13.33 16.78
C PHE A 63 -20.37 12.55 16.14
N ASP A 64 -21.25 13.27 15.44
CA ASP A 64 -22.37 12.67 14.73
C ASP A 64 -22.54 13.42 13.41
N LEU A 65 -22.14 12.76 12.31
CA LEU A 65 -22.24 13.37 10.97
C LEU A 65 -23.30 12.62 10.15
N GLU A 66 -22.96 12.25 8.90
CA GLU A 66 -23.90 11.52 8.01
C GLU A 66 -23.39 10.10 7.77
N ASN A 67 -23.33 9.68 6.52
CA ASN A 67 -22.86 8.30 6.16
C ASN A 67 -21.36 8.36 5.84
N ILE A 68 -21.02 8.39 4.55
CA ILE A 68 -19.62 8.43 4.11
C ILE A 68 -19.33 9.55 3.13
N ASN A 69 -20.36 10.25 2.62
CA ASN A 69 -20.12 11.35 1.70
C ASN A 69 -19.35 12.48 2.35
N ASP A 70 -19.49 12.67 3.66
CA ASP A 70 -18.80 13.71 4.39
C ASP A 70 -17.70 13.09 5.24
N VAL A 71 -16.48 13.62 5.13
CA VAL A 71 -15.32 13.11 5.85
C VAL A 71 -14.59 14.26 6.51
N VAL A 72 -13.80 13.92 7.54
CA VAL A 72 -12.99 14.87 8.27
C VAL A 72 -11.53 14.41 8.18
N GLU A 73 -10.65 15.33 7.78
CA GLU A 73 -9.25 15.02 7.58
C GLU A 73 -8.39 15.75 8.61
N ILE A 74 -7.40 15.06 9.15
CA ILE A 74 -6.45 15.62 10.10
C ILE A 74 -5.05 15.48 9.53
N ARG A 75 -4.32 16.59 9.45
CA ARG A 75 -2.99 16.61 8.88
C ARG A 75 -2.04 17.34 9.82
N ASP A 76 -0.77 16.93 9.79
CA ASP A 76 0.26 17.54 10.62
C ASP A 76 1.19 18.47 9.83
N GLY A 77 0.92 18.68 8.55
CA GLY A 77 1.80 19.48 7.72
C GLY A 77 1.20 20.80 7.28
N GLU A 78 0.69 20.83 6.04
CA GLU A 78 0.12 22.02 5.41
C GLU A 78 1.14 23.13 5.23
N GLU A 79 2.44 22.78 5.23
CA GLU A 79 3.50 23.73 4.94
C GLU A 79 4.21 23.38 3.63
N ALA A 80 4.74 22.17 3.53
CA ALA A 80 5.32 21.68 2.27
C ALA A 80 4.75 20.31 1.93
N ASP A 81 4.42 19.54 2.97
CA ASP A 81 3.84 18.21 2.80
C ASP A 81 3.12 17.83 4.08
N SER A 82 2.19 16.89 3.96
CA SER A 82 1.41 16.44 5.10
C SER A 82 1.01 14.99 4.89
N LEU A 83 0.65 14.33 5.98
CA LEU A 83 0.20 12.95 5.95
C LEU A 83 -1.25 12.86 6.43
N LEU A 84 -1.96 11.84 5.94
CA LEU A 84 -3.37 11.69 6.25
C LEU A 84 -3.62 11.44 7.72
N LEU A 85 -2.64 10.89 8.45
CA LEU A 85 -2.75 10.67 9.88
C LEU A 85 -3.95 9.79 10.20
N ALA A 86 -5.08 10.41 10.55
CA ALA A 86 -6.30 9.69 10.87
C ALA A 86 -7.48 10.40 10.25
N VAL A 87 -8.39 9.62 9.66
CA VAL A 87 -9.62 10.13 9.05
C VAL A 87 -10.79 9.42 9.69
N TYR A 88 -11.76 10.21 10.18
CA TYR A 88 -12.94 9.67 10.83
C TYR A 88 -14.19 10.22 10.17
N THR A 89 -15.18 9.36 9.98
CA THR A 89 -16.46 9.76 9.40
C THR A 89 -17.54 8.80 9.87
N GLY A 90 -18.78 9.26 9.78
CA GLY A 90 -19.92 8.46 10.17
C GLY A 90 -20.23 8.57 11.65
N PRO A 91 -21.45 8.21 12.04
CA PRO A 91 -21.83 8.29 13.45
C PRO A 91 -21.05 7.29 14.30
N GLY A 92 -20.84 7.64 15.56
CA GLY A 92 -20.13 6.80 16.49
C GLY A 92 -18.94 7.49 17.12
N PRO A 93 -18.56 7.06 18.31
CA PRO A 93 -17.39 7.65 18.97
C PRO A 93 -16.10 7.34 18.21
N VAL A 94 -15.14 8.26 18.32
CA VAL A 94 -13.87 8.14 17.63
C VAL A 94 -12.75 8.23 18.66
N LYS A 95 -11.59 7.70 18.27
CA LYS A 95 -10.42 7.68 19.14
C LYS A 95 -9.62 8.98 19.01
N ASP A 96 -8.79 9.23 20.01
CA ASP A 96 -7.94 10.41 20.01
C ASP A 96 -6.87 10.30 18.93
N VAL A 97 -6.38 11.45 18.48
CA VAL A 97 -5.38 11.54 17.42
C VAL A 97 -4.14 12.23 17.97
N PHE A 98 -2.98 11.63 17.74
CA PHE A 98 -1.71 12.18 18.17
C PHE A 98 -0.89 12.63 16.95
N SER A 99 -0.16 13.73 17.11
CA SER A 99 0.65 14.29 16.04
C SER A 99 2.10 14.38 16.49
N THR A 100 3.01 14.03 15.58
CA THR A 100 4.44 14.06 15.88
C THR A 100 5.06 15.45 15.71
N THR A 101 4.35 16.38 15.07
CA THR A 101 4.87 17.72 14.85
C THR A 101 4.20 18.70 15.83
N ASN A 102 4.53 19.98 15.67
CA ASN A 102 3.99 21.04 16.50
C ASN A 102 2.85 21.80 15.82
N ARG A 103 2.35 21.30 14.70
CA ARG A 103 1.29 21.97 13.95
C ARG A 103 0.34 20.92 13.38
N MET A 104 -0.94 21.09 13.65
CA MET A 104 -1.98 20.18 13.19
C MET A 104 -3.02 20.93 12.39
N THR A 105 -3.48 20.31 11.29
CA THR A 105 -4.47 20.89 10.41
C THR A 105 -5.72 20.01 10.41
N VAL A 106 -6.88 20.64 10.59
CA VAL A 106 -8.16 19.94 10.61
C VAL A 106 -9.01 20.48 9.46
N LEU A 107 -9.55 19.58 8.65
CA LEU A 107 -10.33 19.94 7.47
C LEU A 107 -11.71 19.29 7.54
N LEU A 108 -12.71 20.02 7.03
CA LEU A 108 -14.08 19.53 6.98
C LEU A 108 -14.60 19.66 5.56
N ILE A 109 -15.14 18.55 5.04
CA ILE A 109 -15.72 18.51 3.70
C ILE A 109 -17.14 17.98 3.81
N THR A 110 -18.09 18.70 3.22
CA THR A 110 -19.50 18.35 3.30
C THR A 110 -20.12 18.38 1.91
N ALA A 111 -21.19 17.60 1.75
CA ALA A 111 -21.95 17.57 0.50
C ALA A 111 -23.04 18.64 0.54
N ASP A 112 -23.96 18.58 -0.42
CA ASP A 112 -25.01 19.60 -0.55
C ASP A 112 -26.28 19.28 0.23
N VAL A 113 -26.38 18.08 0.82
CA VAL A 113 -27.57 17.64 1.53
C VAL A 113 -27.15 16.91 2.79
N LEU A 114 -28.15 16.44 3.55
CA LEU A 114 -27.95 15.61 4.74
C LEU A 114 -27.13 16.34 5.80
N ALA A 115 -27.67 17.46 6.26
CA ALA A 115 -27.03 18.21 7.34
C ALA A 115 -27.22 17.49 8.67
N ARG A 116 -26.19 17.58 9.51
CA ARG A 116 -26.21 16.94 10.83
C ARG A 116 -25.80 17.91 11.92
N GLY A 117 -25.68 17.42 13.16
CA GLY A 117 -25.39 18.31 14.27
C GLY A 117 -24.00 18.93 14.20
N GLY A 118 -22.98 18.12 13.88
CA GLY A 118 -21.63 18.59 13.82
C GLY A 118 -20.75 17.88 14.85
N PHE A 119 -19.69 18.57 15.27
CA PHE A 119 -18.76 18.01 16.24
C PHE A 119 -18.09 19.14 17.02
N LYS A 120 -17.53 18.77 18.18
CA LYS A 120 -16.75 19.69 19.00
C LYS A 120 -15.47 18.98 19.41
N ALA A 121 -14.41 19.79 19.57
CA ALA A 121 -13.07 19.25 19.74
C ALA A 121 -12.61 19.45 21.18
N ASN A 122 -11.38 19.00 21.46
CA ASN A 122 -10.79 19.05 22.79
C ASN A 122 -9.28 19.23 22.66
N PHE A 123 -8.81 20.48 22.72
CA PHE A 123 -7.41 20.77 22.42
C PHE A 123 -6.52 20.53 23.65
N THR A 124 -5.53 19.66 23.51
CA THR A 124 -4.62 19.35 24.60
C THR A 124 -3.17 19.31 24.10
N THR A 125 -2.27 19.87 24.90
CA THR A 125 -0.86 19.92 24.57
C THR A 125 -0.05 19.23 25.66
N GLY A 126 1.13 18.76 25.27
CA GLY A 126 2.01 18.08 26.20
C GLY A 126 3.28 17.63 25.53
N TYR A 127 4.10 16.91 26.29
CA TYR A 127 5.38 16.39 25.81
C TYR A 127 5.29 14.88 25.67
N HIS A 128 5.61 14.39 24.48
CA HIS A 128 5.63 12.95 24.19
C HIS A 128 4.30 12.29 24.55
N LEU A 129 3.20 12.94 24.17
CA LEU A 129 1.87 12.40 24.48
C LEU A 129 1.64 11.07 23.77
N GLY A 130 2.03 10.98 22.51
CA GLY A 130 1.88 9.76 21.73
C GLY A 130 3.03 8.79 21.82
N ILE A 131 4.03 9.07 22.64
CA ILE A 131 5.22 8.25 22.79
C ILE A 131 5.16 7.58 24.16
N PRO A 132 5.26 6.26 24.25
CA PRO A 132 5.24 5.59 25.55
C PRO A 132 6.51 5.89 26.35
N GLU A 133 6.49 5.43 27.59
CA GLU A 133 7.62 5.68 28.48
C GLU A 133 8.88 4.98 27.96
N PRO A 134 10.03 5.64 27.94
CA PRO A 134 11.25 5.00 27.45
C PRO A 134 11.67 3.84 28.36
N CYS A 135 12.31 2.85 27.76
CA CYS A 135 12.76 1.68 28.50
C CYS A 135 13.88 2.05 29.46
N LYS A 136 13.96 1.31 30.56
CA LYS A 136 14.96 1.52 31.59
C LYS A 136 15.81 0.26 31.76
N ALA A 137 16.89 0.41 32.52
CA ALA A 137 17.83 -0.68 32.82
C ALA A 137 18.44 -1.27 31.55
N ASP A 138 18.63 -0.43 30.54
CA ASP A 138 19.25 -0.82 29.27
C ASP A 138 18.52 -2.01 28.63
N HIS A 139 17.20 -2.01 28.72
CA HIS A 139 16.41 -3.06 28.11
C HIS A 139 16.18 -2.76 26.63
N PHE A 140 15.75 -3.79 25.90
CA PHE A 140 15.49 -3.65 24.48
C PHE A 140 14.26 -2.78 24.25
N GLN A 141 14.35 -1.90 23.24
CA GLN A 141 13.25 -1.02 22.88
C GLN A 141 12.44 -1.68 21.78
N CYS A 142 11.19 -2.01 22.08
CA CYS A 142 10.30 -2.65 21.13
C CYS A 142 9.39 -1.62 20.46
N LYS A 143 8.62 -2.09 19.48
CA LYS A 143 7.69 -1.21 18.78
C LYS A 143 6.55 -0.76 19.70
N ASN A 144 6.10 -1.62 20.61
CA ASN A 144 5.03 -1.28 21.54
C ASN A 144 5.54 -0.68 22.84
N GLY A 145 6.86 -0.49 22.99
CA GLY A 145 7.42 0.11 24.17
C GLY A 145 7.76 -0.84 25.30
N GLU A 146 7.52 -2.13 25.13
CA GLU A 146 7.85 -3.10 26.17
C GLU A 146 9.37 -3.18 26.35
N CYS A 147 9.79 -3.38 27.61
CA CYS A 147 11.19 -3.43 27.97
C CYS A 147 11.55 -4.81 28.46
N VAL A 148 12.59 -5.41 27.87
CA VAL A 148 13.06 -6.73 28.25
C VAL A 148 14.59 -6.75 28.12
N PRO A 149 15.32 -7.27 29.11
CA PRO A 149 16.79 -7.25 29.03
C PRO A 149 17.35 -7.99 27.82
N LEU A 150 17.07 -9.31 27.73
CA LEU A 150 17.50 -10.08 26.56
C LEU A 150 16.57 -11.29 26.42
N VAL A 151 15.54 -11.14 25.60
CA VAL A 151 14.65 -12.24 25.23
C VAL A 151 14.44 -12.19 23.72
N ASN A 152 15.30 -11.46 23.03
CA ASN A 152 15.07 -11.09 21.64
C ASN A 152 16.41 -11.04 20.94
N LEU A 153 16.48 -10.29 19.83
CA LEU A 153 17.65 -10.24 18.94
C LEU A 153 17.86 -11.60 18.28
N CYS A 154 16.79 -12.11 17.65
CA CYS A 154 16.81 -13.37 16.90
C CYS A 154 17.13 -14.56 17.81
N ASP A 155 16.44 -14.62 18.95
CA ASP A 155 16.51 -15.77 19.81
C ASP A 155 15.68 -16.91 19.23
N GLY A 156 15.96 -18.12 19.69
CA GLY A 156 15.25 -19.28 19.19
C GLY A 156 13.89 -19.48 19.81
N HIS A 157 13.16 -18.39 20.00
CA HIS A 157 11.82 -18.40 20.59
C HIS A 157 11.21 -17.02 20.37
N LEU A 158 10.05 -16.78 20.96
CA LEU A 158 9.33 -15.52 20.87
C LEU A 158 8.97 -15.00 22.26
N HIS A 159 9.96 -14.99 23.16
CA HIS A 159 9.74 -14.57 24.53
C HIS A 159 9.40 -13.08 24.65
N CYS A 160 9.58 -12.31 23.58
CA CYS A 160 9.25 -10.89 23.64
C CYS A 160 7.75 -10.69 23.88
N GLU A 161 7.43 -9.65 24.64
CA GLU A 161 6.04 -9.38 24.99
C GLU A 161 5.19 -9.09 23.75
N ASP A 162 5.74 -8.31 22.81
CA ASP A 162 4.99 -7.97 21.61
C ASP A 162 4.69 -9.21 20.77
N GLY A 163 5.66 -10.10 20.63
CA GLY A 163 5.48 -11.29 19.83
C GLY A 163 5.60 -11.08 18.34
N SER A 164 5.97 -9.88 17.90
CA SER A 164 6.11 -9.56 16.48
C SER A 164 7.57 -9.34 16.08
N ASP A 165 8.52 -9.91 16.85
CA ASP A 165 9.93 -9.77 16.55
C ASP A 165 10.35 -10.82 15.52
N GLU A 166 9.89 -10.61 14.29
CA GLU A 166 10.17 -11.51 13.18
C GLU A 166 11.41 -11.10 12.40
N ALA A 167 12.11 -10.06 12.81
CA ALA A 167 13.32 -9.63 12.12
C ALA A 167 14.42 -10.68 12.25
N ASP A 168 15.22 -10.80 11.20
CA ASP A 168 16.31 -11.77 11.15
C ASP A 168 17.65 -11.04 11.14
N CYS A 169 18.63 -11.61 11.83
CA CYS A 169 19.98 -11.03 11.91
C CYS A 169 20.86 -11.49 10.75
N VAL A 170 20.36 -11.33 9.52
CA VAL A 170 21.10 -11.69 8.33
C VAL A 170 20.99 -10.55 7.33
N ARG A 171 22.14 -10.13 6.78
CA ARG A 171 22.17 -9.07 5.79
C ARG A 171 23.42 -9.24 4.94
N PHE A 172 23.38 -8.66 3.74
CA PHE A 172 24.48 -8.74 2.79
C PHE A 172 25.40 -7.53 2.97
N PHE A 173 26.61 -7.77 3.42
CA PHE A 173 27.64 -6.73 3.49
C PHE A 173 28.29 -6.56 2.12
N ASN A 174 28.48 -5.29 1.74
CA ASN A 174 29.00 -4.94 0.42
C ASN A 174 28.16 -5.55 -0.68
N GLY A 175 28.66 -6.60 -1.32
CA GLY A 175 27.93 -7.27 -2.36
C GLY A 175 27.98 -6.52 -3.68
N THR A 176 27.21 -7.04 -4.64
CA THR A 176 27.15 -6.44 -5.97
C THR A 176 25.72 -6.01 -6.30
N THR A 177 24.74 -6.72 -5.75
CA THR A 177 23.33 -6.40 -5.98
C THR A 177 22.53 -6.86 -4.77
N ASN A 178 21.20 -6.83 -4.89
CA ASN A 178 20.35 -7.27 -3.80
C ASN A 178 20.49 -8.76 -3.53
N ASN A 179 20.58 -9.56 -4.59
CA ASN A 179 20.63 -11.01 -4.48
C ASN A 179 22.03 -11.56 -4.26
N ASN A 180 23.07 -10.72 -4.35
CA ASN A 180 24.44 -11.16 -4.21
C ASN A 180 25.10 -10.38 -3.08
N GLY A 181 25.76 -11.09 -2.18
CA GLY A 181 26.46 -10.44 -1.09
C GLY A 181 26.99 -11.47 -0.11
N LEU A 182 27.88 -10.99 0.76
CA LEU A 182 28.46 -11.84 1.79
C LEU A 182 27.46 -12.03 2.93
N VAL A 183 27.26 -13.27 3.35
CA VAL A 183 26.29 -13.59 4.36
C VAL A 183 26.90 -13.38 5.74
N ARG A 184 26.23 -12.59 6.58
CA ARG A 184 26.69 -12.30 7.93
C ARG A 184 25.55 -12.51 8.91
N PHE A 185 25.86 -13.06 10.08
CA PHE A 185 24.88 -13.31 11.13
C PHE A 185 25.33 -12.64 12.42
N ARG A 186 24.37 -12.15 13.19
CA ARG A 186 24.62 -11.49 14.47
C ARG A 186 24.03 -12.34 15.59
N ILE A 187 24.89 -13.02 16.35
CA ILE A 187 24.41 -13.86 17.45
C ILE A 187 23.83 -12.98 18.56
N GLN A 188 24.64 -12.08 19.10
CA GLN A 188 24.20 -11.17 20.15
C GLN A 188 24.31 -9.71 19.73
N SER A 189 25.52 -9.23 19.42
CA SER A 189 25.68 -7.82 19.08
C SER A 189 26.58 -7.62 17.86
N ILE A 190 27.27 -8.68 17.43
CA ILE A 190 28.31 -8.57 16.41
C ILE A 190 27.91 -9.40 15.20
N TRP A 191 27.92 -8.77 14.02
CA TRP A 191 27.66 -9.46 12.78
C TRP A 191 28.92 -10.16 12.27
N HIS A 192 28.77 -11.39 11.81
CA HIS A 192 29.91 -12.18 11.37
C HIS A 192 29.42 -13.32 10.47
N THR A 193 30.36 -13.92 9.75
CA THR A 193 30.04 -14.98 8.82
C THR A 193 29.71 -16.28 9.56
N ALA A 194 29.48 -17.35 8.79
CA ALA A 194 28.97 -18.59 9.35
C ALA A 194 29.90 -19.79 9.09
N CYS A 195 31.16 -19.54 8.73
CA CYS A 195 32.17 -20.60 8.62
C CYS A 195 31.74 -21.69 7.64
N ALA A 196 31.73 -21.30 6.36
CA ALA A 196 31.20 -22.14 5.30
C ALA A 196 32.16 -23.26 4.91
N GLU A 197 33.09 -23.60 5.80
CA GLU A 197 34.02 -24.70 5.56
C GLU A 197 33.28 -26.00 5.22
N ASN A 198 32.24 -26.32 6.00
CA ASN A 198 31.41 -27.48 5.75
C ASN A 198 30.08 -27.10 5.08
N TRP A 199 30.09 -26.09 4.21
CA TRP A 199 28.86 -25.62 3.59
C TRP A 199 28.29 -26.66 2.65
N THR A 200 26.96 -26.81 2.67
CA THR A 200 26.25 -27.73 1.80
C THR A 200 25.10 -27.00 1.12
N THR A 201 24.45 -27.69 0.18
CA THR A 201 23.36 -27.10 -0.58
C THR A 201 22.15 -26.83 0.31
N GLN A 202 21.88 -27.73 1.26
CA GLN A 202 20.74 -27.54 2.16
C GLN A 202 20.92 -26.29 3.02
N ILE A 203 22.14 -26.04 3.50
CA ILE A 203 22.41 -24.84 4.27
C ILE A 203 22.16 -23.60 3.43
N SER A 204 22.61 -23.62 2.16
CA SER A 204 22.38 -22.49 1.28
C SER A 204 20.89 -22.26 1.05
N ASN A 205 20.12 -23.34 0.86
CA ASN A 205 18.68 -23.20 0.68
C ASN A 205 18.03 -22.61 1.92
N ASP A 206 18.44 -23.08 3.11
CA ASP A 206 17.88 -22.52 4.35
C ASP A 206 18.21 -21.05 4.49
N VAL A 207 19.46 -20.67 4.17
CA VAL A 207 19.85 -19.26 4.27
C VAL A 207 19.04 -18.41 3.30
N CYS A 208 18.86 -18.90 2.07
CA CYS A 208 18.06 -18.15 1.10
C CYS A 208 16.62 -18.02 1.55
N GLN A 209 16.07 -19.07 2.16
CA GLN A 209 14.72 -18.98 2.70
C GLN A 209 14.64 -17.94 3.83
N LEU A 210 15.67 -17.87 4.67
CA LEU A 210 15.68 -16.89 5.75
C LEU A 210 15.72 -15.46 5.22
N LEU A 211 16.19 -15.27 3.98
CA LEU A 211 16.26 -13.95 3.37
C LEU A 211 15.08 -13.67 2.45
N GLY A 212 14.06 -14.52 2.45
CA GLY A 212 12.92 -14.33 1.56
C GLY A 212 13.25 -14.47 0.09
N LEU A 213 14.02 -15.49 -0.26
CA LEU A 213 14.42 -15.71 -1.65
C LEU A 213 14.26 -17.17 -2.04
N GLY A 214 14.79 -17.55 -3.20
CA GLY A 214 14.59 -18.89 -3.72
C GLY A 214 15.50 -19.93 -3.10
N SER A 215 16.14 -20.73 -3.94
CA SER A 215 16.99 -21.83 -3.51
C SER A 215 18.46 -21.45 -3.70
N GLY A 216 19.35 -22.39 -3.35
CA GLY A 216 20.77 -22.15 -3.46
C GLY A 216 21.23 -22.24 -4.91
N ASN A 217 21.68 -21.12 -5.47
CA ASN A 217 22.14 -21.08 -6.85
C ASN A 217 23.66 -21.25 -6.91
N SER A 218 24.40 -20.36 -6.25
CA SER A 218 25.86 -20.38 -6.27
C SER A 218 26.36 -20.25 -4.84
N SER A 219 27.37 -21.06 -4.49
CA SER A 219 27.96 -21.05 -3.16
C SER A 219 29.49 -21.17 -3.28
N LYS A 220 30.06 -20.38 -4.20
CA LYS A 220 31.50 -20.53 -4.38
C LYS A 220 32.26 -19.53 -3.52
N PRO A 221 33.13 -20.01 -2.64
CA PRO A 221 33.96 -19.11 -1.83
C PRO A 221 35.12 -18.55 -2.64
N ILE A 222 35.68 -17.45 -2.13
CA ILE A 222 36.82 -16.82 -2.76
C ILE A 222 38.01 -16.80 -1.81
N PHE A 223 37.88 -16.07 -0.69
CA PHE A 223 38.90 -16.00 0.34
C PHE A 223 38.38 -15.17 1.52
N PRO A 224 38.93 -15.35 2.73
CA PRO A 224 38.44 -14.59 3.88
C PRO A 224 38.88 -13.13 3.85
N THR A 225 38.12 -12.28 3.14
CA THR A 225 38.47 -10.87 3.06
C THR A 225 38.40 -10.20 4.43
N ASP A 226 37.37 -10.51 5.21
CA ASP A 226 37.16 -9.87 6.49
C ASP A 226 37.71 -10.74 7.62
N GLY A 227 38.17 -10.08 8.68
CA GLY A 227 38.70 -10.77 9.84
C GLY A 227 37.82 -10.64 11.06
N GLY A 228 36.51 -10.76 10.87
CA GLY A 228 35.56 -10.61 11.94
C GLY A 228 35.49 -11.83 12.83
N PRO A 229 34.66 -11.77 13.88
CA PRO A 229 34.56 -12.88 14.82
C PRO A 229 33.83 -14.09 14.23
N PHE A 230 34.55 -14.90 13.47
CA PHE A 230 33.94 -16.01 12.75
C PHE A 230 33.25 -16.97 13.72
N VAL A 231 32.04 -17.40 13.36
CA VAL A 231 31.28 -18.39 14.11
C VAL A 231 30.87 -19.49 13.14
N LYS A 232 30.65 -20.69 13.68
CA LYS A 232 30.44 -21.88 12.87
C LYS A 232 28.96 -22.22 12.77
N LEU A 233 28.51 -22.52 11.56
CA LEU A 233 27.16 -22.98 11.28
C LEU A 233 27.22 -24.41 10.75
N ASN A 234 26.33 -25.27 11.24
CA ASN A 234 26.35 -26.67 10.86
C ASN A 234 24.93 -27.19 10.79
N THR A 235 24.75 -28.28 10.05
CA THR A 235 23.44 -28.89 9.89
C THR A 235 22.97 -29.51 11.20
N ALA A 236 21.66 -29.62 11.32
CA ALA A 236 21.03 -30.18 12.51
C ALA A 236 20.00 -31.24 12.10
N PRO A 237 19.76 -32.22 12.97
CA PRO A 237 18.75 -33.25 12.63
C PRO A 237 17.36 -32.69 12.38
N ASP A 238 16.97 -31.64 13.09
CA ASP A 238 15.67 -31.03 12.91
C ASP A 238 15.74 -29.99 11.80
N GLY A 239 14.68 -29.21 11.64
CA GLY A 239 14.62 -28.19 10.61
C GLY A 239 15.29 -26.89 10.94
N HIS A 240 15.89 -26.77 12.11
CA HIS A 240 16.55 -25.54 12.53
C HIS A 240 18.02 -25.56 12.14
N LEU A 241 18.72 -24.47 12.45
CA LEU A 241 20.15 -24.35 12.20
C LEU A 241 20.86 -23.98 13.49
N ILE A 242 22.01 -24.60 13.74
CA ILE A 242 22.78 -24.40 14.97
C ILE A 242 24.01 -23.56 14.61
N LEU A 243 24.15 -22.42 15.27
CA LEU A 243 25.26 -21.50 15.04
C LEU A 243 26.17 -21.56 16.27
N THR A 244 27.36 -22.15 16.10
CA THR A 244 28.29 -22.33 17.20
C THR A 244 29.36 -21.25 17.15
N PRO A 245 29.51 -20.45 18.20
CA PRO A 245 30.58 -19.43 18.20
C PRO A 245 31.96 -20.07 18.26
N SER A 246 32.80 -19.71 17.31
CA SER A 246 34.15 -20.27 17.21
C SER A 246 35.14 -19.15 16.88
N GLN A 247 35.05 -18.05 17.60
CA GLN A 247 35.91 -16.90 17.35
C GLN A 247 37.38 -17.24 17.59
N GLN A 248 38.25 -16.33 17.14
CA GLN A 248 39.70 -16.51 17.24
C GLN A 248 40.15 -17.78 16.54
N CYS A 249 39.87 -17.86 15.25
CA CYS A 249 40.25 -19.01 14.43
C CYS A 249 40.88 -18.54 13.13
N LEU A 250 41.77 -19.36 12.59
CA LEU A 250 42.48 -19.08 11.35
C LEU A 250 42.10 -20.09 10.29
N GLN A 251 42.57 -19.83 9.06
CA GLN A 251 42.30 -20.68 7.91
C GLN A 251 40.79 -20.86 7.70
N ASP A 252 40.13 -19.73 7.43
CA ASP A 252 38.68 -19.67 7.28
C ASP A 252 38.33 -19.25 5.86
N SER A 253 37.03 -19.12 5.61
CA SER A 253 36.53 -18.68 4.31
C SER A 253 35.17 -18.03 4.52
N LEU A 254 34.90 -17.00 3.72
CA LEU A 254 33.64 -16.27 3.81
C LEU A 254 32.55 -17.03 3.05
N ILE A 255 31.40 -16.40 2.89
CA ILE A 255 30.26 -16.99 2.20
C ILE A 255 29.86 -16.07 1.05
N ARG A 256 29.75 -16.64 -0.14
CA ARG A 256 29.30 -15.90 -1.32
C ARG A 256 28.11 -16.64 -1.92
N LEU A 257 26.91 -16.09 -1.71
CA LEU A 257 25.68 -16.70 -2.19
C LEU A 257 24.97 -15.73 -3.12
N GLN A 258 24.32 -16.30 -4.15
CA GLN A 258 23.48 -15.54 -5.07
C GLN A 258 22.14 -16.28 -5.15
N CYS A 259 21.26 -15.99 -4.21
CA CYS A 259 19.98 -16.70 -4.15
C CYS A 259 19.12 -16.35 -5.35
N ASN A 260 18.52 -17.36 -5.96
CA ASN A 260 17.64 -17.14 -7.10
C ASN A 260 16.37 -16.42 -6.67
N HIS A 261 15.81 -15.63 -7.58
CA HIS A 261 14.58 -14.91 -7.29
C HIS A 261 13.43 -15.89 -7.08
N LYS A 262 12.50 -15.50 -6.20
CA LYS A 262 11.36 -16.36 -5.90
C LYS A 262 10.46 -16.52 -7.12
N SER A 263 9.75 -17.64 -7.15
CA SER A 263 8.76 -17.85 -8.19
C SER A 263 7.66 -16.79 -8.06
N CYS A 264 7.19 -16.31 -9.21
CA CYS A 264 6.26 -15.20 -9.21
C CYS A 264 5.28 -15.37 -10.38
N GLY A 265 4.63 -14.28 -10.77
CA GLY A 265 3.50 -14.35 -11.68
C GLY A 265 3.85 -14.66 -13.13
N LYS A 266 4.29 -15.89 -13.36
CA LYS A 266 4.45 -16.42 -14.72
C LYS A 266 3.22 -17.23 -15.06
N LYS A 267 2.76 -17.11 -16.31
CA LYS A 267 1.51 -17.74 -16.74
C LYS A 267 1.74 -19.24 -16.85
N LEU A 268 1.67 -19.91 -15.71
CA LEU A 268 1.84 -21.35 -15.62
C LEU A 268 0.55 -22.12 -15.86
N ALA A 269 -0.56 -21.42 -16.11
CA ALA A 269 -1.82 -22.11 -16.36
C ALA A 269 -1.75 -22.91 -17.64
N ALA A 270 -2.29 -24.13 -17.60
CA ALA A 270 -2.26 -25.04 -18.75
C ALA A 270 -3.32 -24.60 -19.76
N GLN A 271 -3.01 -23.52 -20.46
CA GLN A 271 -3.91 -23.01 -21.49
C GLN A 271 -3.96 -23.97 -22.67
N ASP A 272 -5.16 -24.16 -23.21
CA ASP A 272 -5.34 -25.01 -24.37
C ASP A 272 -4.75 -24.36 -25.62
N ILE A 273 -4.43 -25.19 -26.61
CA ILE A 273 -3.84 -24.76 -27.86
C ILE A 273 -4.93 -24.72 -28.93
N THR A 274 -5.12 -23.56 -29.53
CA THR A 274 -6.14 -23.43 -30.57
C THR A 274 -5.58 -23.94 -31.90
N PRO A 275 -6.24 -24.90 -32.55
CA PRO A 275 -5.73 -25.46 -33.82
C PRO A 275 -6.03 -24.54 -35.01
N LYS A 276 -5.45 -23.34 -34.97
CA LYS A 276 -5.62 -22.38 -36.06
C LYS A 276 -4.29 -21.76 -36.46
N ILE B 1 -10.48 -2.62 -21.05
CA ILE B 1 -11.91 -2.72 -20.74
C ILE B 1 -12.74 -2.28 -21.93
N VAL B 2 -12.70 -0.98 -22.24
CA VAL B 2 -13.48 -0.43 -23.34
C VAL B 2 -12.77 -0.76 -24.65
N GLY B 3 -13.48 -1.43 -25.54
CA GLY B 3 -12.92 -1.81 -26.82
C GLY B 3 -11.95 -2.96 -26.80
N GLY B 4 -11.87 -3.69 -25.68
CA GLY B 4 -10.94 -4.79 -25.54
C GLY B 4 -11.54 -6.11 -25.99
N SER B 5 -10.91 -7.19 -25.55
CA SER B 5 -11.35 -8.54 -25.89
C SER B 5 -11.46 -9.38 -24.62
N ASN B 6 -12.35 -10.36 -24.66
CA ASN B 6 -12.58 -11.21 -23.50
C ASN B 6 -11.37 -12.11 -23.25
N ALA B 7 -11.03 -12.27 -21.99
CA ALA B 7 -9.91 -13.11 -21.57
C ALA B 7 -10.39 -14.50 -21.19
N LYS B 8 -9.46 -15.44 -21.19
CA LYS B 8 -9.74 -16.84 -20.87
C LYS B 8 -9.36 -17.13 -19.42
N GLU B 9 -9.74 -18.32 -18.97
CA GLU B 9 -9.46 -18.74 -17.60
C GLU B 9 -7.95 -18.92 -17.39
N GLY B 10 -7.43 -18.38 -16.31
CA GLY B 10 -6.04 -18.50 -15.97
C GLY B 10 -5.12 -17.54 -16.70
N ALA B 11 -5.65 -16.66 -17.55
CA ALA B 11 -4.80 -15.73 -18.29
C ALA B 11 -4.08 -14.76 -17.36
N TRP B 12 -4.80 -14.23 -16.36
CA TRP B 12 -4.24 -13.25 -15.43
C TRP B 12 -4.58 -13.70 -14.01
N PRO B 13 -3.87 -14.68 -13.47
CA PRO B 13 -4.17 -15.18 -12.13
C PRO B 13 -4.00 -14.15 -11.03
N TRP B 14 -3.23 -13.09 -11.27
CA TRP B 14 -2.91 -12.11 -10.24
C TRP B 14 -3.94 -10.99 -10.14
N VAL B 15 -5.02 -11.06 -10.89
CA VAL B 15 -6.10 -10.07 -10.82
C VAL B 15 -7.19 -10.62 -9.91
N VAL B 16 -7.52 -9.86 -8.87
CA VAL B 16 -8.53 -10.27 -7.90
C VAL B 16 -9.56 -9.16 -7.76
N GLY B 17 -10.75 -9.53 -7.31
CA GLY B 17 -11.84 -8.59 -7.17
C GLY B 17 -12.16 -8.25 -5.72
N LEU B 18 -12.74 -7.08 -5.51
CA LEU B 18 -13.11 -6.61 -4.18
C LEU B 18 -14.58 -6.22 -4.17
N TYR B 19 -15.31 -6.71 -3.17
CA TYR B 19 -16.74 -6.46 -3.05
C TYR B 19 -17.04 -5.65 -1.81
N TYR B 20 -18.12 -4.86 -1.88
CA TYR B 20 -18.55 -4.03 -0.77
C TYR B 20 -20.06 -3.93 -0.82
N GLY B 21 -20.74 -4.60 0.12
CA GLY B 21 -22.18 -4.58 0.13
C GLY B 21 -22.84 -5.41 -0.95
N GLY B 22 -22.13 -6.40 -1.50
CA GLY B 22 -22.66 -7.22 -2.57
C GLY B 22 -22.52 -6.64 -3.95
N ARG B 23 -21.80 -5.54 -4.11
CA ARG B 23 -21.61 -4.90 -5.41
C ARG B 23 -20.12 -4.66 -5.64
N LEU B 24 -19.68 -4.90 -6.87
CA LEU B 24 -18.29 -4.67 -7.22
C LEU B 24 -18.01 -3.17 -7.29
N LEU B 25 -16.96 -2.74 -6.60
CA LEU B 25 -16.62 -1.32 -6.53
C LEU B 25 -15.21 -1.01 -6.99
N CYS B 26 -14.23 -1.85 -6.67
CA CYS B 26 -12.83 -1.54 -6.96
C CYS B 26 -12.07 -2.84 -7.19
N GLY B 27 -10.95 -2.71 -7.91
CA GLY B 27 -10.09 -3.84 -8.20
C GLY B 27 -8.92 -3.93 -7.23
N ALA B 28 -8.17 -5.03 -7.35
CA ALA B 28 -7.03 -5.27 -6.49
C ALA B 28 -6.11 -6.29 -7.17
N SER B 29 -4.89 -6.38 -6.65
CA SER B 29 -3.89 -7.31 -7.16
C SER B 29 -3.24 -8.04 -5.99
N LEU B 30 -2.75 -9.25 -6.26
CA LEU B 30 -2.13 -10.09 -5.24
C LEU B 30 -0.63 -9.86 -5.24
N VAL B 31 -0.08 -9.50 -4.08
CA VAL B 31 1.34 -9.24 -3.93
C VAL B 31 2.04 -10.39 -3.24
N SER B 32 1.50 -10.86 -2.12
CA SER B 32 2.11 -11.92 -1.33
C SER B 32 1.00 -12.85 -0.84
N SER B 33 1.34 -13.70 0.13
CA SER B 33 0.37 -14.67 0.63
C SER B 33 -0.81 -14.01 1.33
N ASP B 34 -0.60 -12.87 1.97
CA ASP B 34 -1.66 -12.24 2.75
C ASP B 34 -1.70 -10.73 2.58
N TRP B 35 -1.34 -10.22 1.40
CA TRP B 35 -1.38 -8.79 1.14
C TRP B 35 -1.96 -8.52 -0.24
N LEU B 36 -2.59 -7.36 -0.38
CA LEU B 36 -3.18 -6.92 -1.62
C LEU B 36 -2.86 -5.44 -1.83
N VAL B 37 -2.90 -5.02 -3.10
CA VAL B 37 -2.63 -3.64 -3.47
C VAL B 37 -3.81 -3.12 -4.30
N SER B 38 -4.23 -1.90 -4.01
CA SER B 38 -5.35 -1.28 -4.73
C SER B 38 -5.20 0.23 -4.65
N ALA B 39 -5.91 0.92 -5.54
CA ALA B 39 -5.89 2.37 -5.56
C ALA B 39 -6.56 2.93 -4.31
N ALA B 40 -5.92 3.93 -3.71
CA ALA B 40 -6.44 4.52 -2.47
C ALA B 40 -7.64 5.43 -2.72
N ALA B 41 -7.85 5.87 -3.96
CA ALA B 41 -8.98 6.75 -4.25
C ALA B 41 -10.31 6.06 -4.01
N CYS B 42 -10.43 4.79 -4.43
CA CYS B 42 -11.71 4.10 -4.32
C CYS B 42 -12.00 3.72 -2.87
N VAL B 43 -10.97 3.36 -2.11
CA VAL B 43 -11.14 3.01 -0.70
C VAL B 43 -10.82 4.27 0.10
N TYR B 44 -11.84 5.10 0.32
CA TYR B 44 -11.68 6.33 1.08
C TYR B 44 -12.99 6.61 1.81
N GLY B 45 -12.89 6.87 3.11
CA GLY B 45 -14.06 7.05 3.94
C GLY B 45 -14.72 5.77 4.39
N ARG B 46 -14.19 4.61 4.00
CA ARG B 46 -14.73 3.31 4.39
C ARG B 46 -13.70 2.47 5.13
N ASN B 47 -12.64 3.11 5.64
CA ASN B 47 -11.57 2.37 6.31
C ASN B 47 -11.90 2.02 7.76
N LEU B 48 -13.01 2.53 8.30
CA LEU B 48 -13.38 2.26 9.68
C LEU B 48 -14.16 0.96 9.86
N GLU B 49 -14.57 0.31 8.77
CA GLU B 49 -15.35 -0.92 8.82
C GLU B 49 -14.71 -1.96 7.90
N PRO B 50 -13.59 -2.55 8.31
CA PRO B 50 -12.95 -3.57 7.46
C PRO B 50 -13.78 -4.82 7.27
N SER B 51 -14.73 -5.10 8.18
CA SER B 51 -15.51 -6.34 8.08
C SER B 51 -16.51 -6.31 6.93
N LYS B 52 -16.81 -5.14 6.37
CA LYS B 52 -17.78 -5.01 5.30
C LYS B 52 -17.18 -5.27 3.92
N TRP B 53 -15.88 -5.55 3.83
CA TRP B 53 -15.23 -5.79 2.55
C TRP B 53 -15.01 -7.28 2.35
N THR B 54 -15.39 -7.77 1.18
CA THR B 54 -15.26 -9.18 0.82
C THR B 54 -14.26 -9.31 -0.32
N ALA B 55 -13.26 -10.17 -0.15
CA ALA B 55 -12.22 -10.38 -1.14
C ALA B 55 -12.47 -11.68 -1.89
N ILE B 56 -12.42 -11.62 -3.22
CA ILE B 56 -12.66 -12.76 -4.08
C ILE B 56 -11.40 -13.00 -4.91
N LEU B 57 -10.88 -14.23 -4.85
CA LEU B 57 -9.69 -14.62 -5.59
C LEU B 57 -10.07 -15.64 -6.66
N GLY B 58 -9.41 -15.55 -7.81
CA GLY B 58 -9.75 -16.43 -8.92
C GLY B 58 -11.06 -16.10 -9.60
N LEU B 59 -11.50 -14.85 -9.51
CA LEU B 59 -12.77 -14.45 -10.11
C LEU B 59 -12.64 -14.43 -11.63
N HIS B 60 -13.47 -15.21 -12.30
CA HIS B 60 -13.51 -15.26 -13.76
C HIS B 60 -14.87 -14.89 -14.33
N MET B 61 -15.96 -15.37 -13.74
CA MET B 61 -17.30 -15.07 -14.19
C MET B 61 -18.16 -14.66 -13.00
N LYS B 62 -19.06 -13.71 -13.22
CA LYS B 62 -19.94 -13.22 -12.17
C LYS B 62 -21.25 -13.99 -12.09
N SER B 63 -21.42 -15.03 -12.89
CA SER B 63 -22.67 -15.80 -12.89
C SER B 63 -22.87 -16.50 -11.55
N ASN B 64 -21.94 -17.39 -11.18
CA ASN B 64 -21.99 -18.08 -9.90
C ASN B 64 -20.56 -18.41 -9.48
N LEU B 65 -20.29 -18.32 -8.18
CA LEU B 65 -18.97 -18.60 -7.62
C LEU B 65 -18.90 -19.95 -6.93
N THR B 66 -19.89 -20.82 -7.11
CA THR B 66 -19.93 -22.12 -6.47
C THR B 66 -18.86 -23.08 -6.99
N SER B 67 -18.20 -22.74 -8.10
CA SER B 67 -17.13 -23.59 -8.61
C SER B 67 -15.96 -23.61 -7.63
N PRO B 68 -15.21 -24.73 -7.57
CA PRO B 68 -14.08 -24.85 -6.63
C PRO B 68 -12.85 -24.06 -7.06
N GLN B 69 -13.06 -22.78 -7.40
CA GLN B 69 -11.96 -21.89 -7.75
C GLN B 69 -12.06 -20.52 -7.10
N THR B 70 -13.16 -20.18 -6.45
CA THR B 70 -13.33 -18.91 -5.77
C THR B 70 -13.21 -19.12 -4.26
N VAL B 71 -12.28 -18.41 -3.64
CA VAL B 71 -12.01 -18.53 -2.21
C VAL B 71 -12.41 -17.21 -1.55
N PRO B 72 -13.51 -17.16 -0.80
CA PRO B 72 -13.88 -15.92 -0.12
C PRO B 72 -12.86 -15.55 0.96
N ARG B 73 -12.68 -14.24 1.13
CA ARG B 73 -11.73 -13.73 2.11
C ARG B 73 -12.26 -12.42 2.67
N LEU B 74 -11.74 -12.05 3.84
CA LEU B 74 -12.10 -10.81 4.51
C LEU B 74 -10.84 -10.02 4.82
N ILE B 75 -10.99 -8.70 4.89
CA ILE B 75 -9.89 -7.78 5.12
C ILE B 75 -9.85 -7.42 6.60
N ASP B 76 -8.68 -7.60 7.22
CA ASP B 76 -8.53 -7.32 8.64
C ASP B 76 -7.98 -5.92 8.91
N GLU B 77 -7.01 -5.48 8.11
CA GLU B 77 -6.40 -4.17 8.29
C GLU B 77 -6.28 -3.49 6.93
N ILE B 78 -6.57 -2.19 6.92
CA ILE B 78 -6.47 -1.36 5.72
C ILE B 78 -5.45 -0.26 5.97
N VAL B 79 -4.48 -0.14 5.08
CA VAL B 79 -3.40 0.85 5.20
C VAL B 79 -3.48 1.80 4.02
N ILE B 80 -3.47 3.09 4.31
CA ILE B 80 -3.53 4.14 3.29
C ILE B 80 -2.20 4.88 3.29
N ASN B 81 -1.70 5.17 2.10
CA ASN B 81 -0.41 5.85 1.97
C ASN B 81 -0.52 7.25 2.59
N PRO B 82 0.39 7.62 3.49
CA PRO B 82 0.31 8.96 4.11
C PRO B 82 0.38 10.10 3.11
N HIS B 83 1.16 9.95 2.03
CA HIS B 83 1.31 11.01 1.03
C HIS B 83 0.09 11.01 0.12
N TYR B 84 -1.00 11.57 0.62
CA TYR B 84 -2.24 11.67 -0.14
C TYR B 84 -3.00 12.91 0.34
N ASN B 85 -3.62 13.61 -0.60
CA ASN B 85 -4.33 14.85 -0.29
C ASN B 85 -5.71 14.96 -0.92
N ARG B 86 -6.04 14.13 -1.91
CA ARG B 86 -7.32 14.18 -2.61
C ARG B 86 -7.57 15.53 -3.28
N ARG B 87 -6.51 16.32 -3.47
CA ARG B 87 -6.59 17.59 -4.18
C ARG B 87 -5.84 17.54 -5.49
N ARG B 88 -4.57 17.14 -5.47
CA ARG B 88 -3.78 16.93 -6.67
C ARG B 88 -3.89 15.51 -7.21
N LYS B 89 -4.57 14.62 -6.48
CA LYS B 89 -4.75 13.22 -6.89
C LYS B 89 -3.40 12.54 -7.15
N ASP B 90 -2.46 12.76 -6.23
CA ASP B 90 -1.10 12.25 -6.36
C ASP B 90 -0.82 11.22 -5.27
N ASN B 91 -0.18 10.13 -5.67
CA ASN B 91 0.26 9.06 -4.76
C ASN B 91 -0.92 8.47 -3.99
N ALA B 92 -1.83 7.86 -4.75
CA ALA B 92 -3.03 7.20 -4.20
C ALA B 92 -2.81 5.70 -4.26
N ILE B 93 -2.17 5.16 -3.22
CA ILE B 93 -1.88 3.74 -3.10
C ILE B 93 -2.37 3.25 -1.75
N ALA B 94 -3.09 2.14 -1.74
CA ALA B 94 -3.61 1.54 -0.51
C ALA B 94 -3.22 0.07 -0.44
N MET B 95 -3.04 -0.41 0.78
CA MET B 95 -2.68 -1.80 1.03
C MET B 95 -3.74 -2.45 1.91
N MET B 96 -4.08 -3.70 1.58
CA MET B 96 -5.09 -4.46 2.29
C MET B 96 -4.52 -5.79 2.74
N HIS B 97 -4.89 -6.22 3.94
CA HIS B 97 -4.37 -7.45 4.54
C HIS B 97 -5.49 -8.48 4.67
N LEU B 98 -5.19 -9.71 4.27
CA LEU B 98 -6.15 -10.80 4.36
C LEU B 98 -6.07 -11.47 5.72
N GLU B 99 -7.21 -11.98 6.19
CA GLU B 99 -7.25 -12.62 7.50
C GLU B 99 -6.43 -13.90 7.53
N PHE B 100 -6.50 -14.70 6.47
CA PHE B 100 -5.81 -15.97 6.41
C PHE B 100 -5.01 -16.06 5.11
N LYS B 101 -3.91 -16.81 5.17
CA LYS B 101 -3.10 -17.03 3.98
C LYS B 101 -3.82 -17.94 2.99
N VAL B 102 -3.49 -17.76 1.71
CA VAL B 102 -4.09 -18.55 0.64
C VAL B 102 -2.98 -19.34 -0.04
N ASN B 103 -3.18 -20.64 -0.16
CA ASN B 103 -2.20 -21.50 -0.83
C ASN B 103 -2.10 -21.13 -2.30
N TYR B 104 -0.89 -21.06 -2.81
CA TYR B 104 -0.68 -20.79 -4.23
C TYR B 104 -1.04 -22.02 -5.05
N THR B 105 -1.69 -21.79 -6.19
CA THR B 105 -2.11 -22.86 -7.08
C THR B 105 -1.93 -22.40 -8.52
N ASP B 106 -2.49 -23.16 -9.45
CA ASP B 106 -2.36 -22.83 -10.86
C ASP B 106 -3.08 -21.54 -11.21
N TYR B 107 -4.25 -21.31 -10.60
CA TYR B 107 -5.07 -20.14 -10.90
C TYR B 107 -4.81 -18.96 -9.98
N ILE B 108 -3.87 -19.07 -9.04
CA ILE B 108 -3.56 -18.00 -8.10
C ILE B 108 -2.06 -17.76 -8.14
N GLN B 109 -1.65 -16.56 -8.56
CA GLN B 109 -0.26 -16.17 -8.60
C GLN B 109 -0.12 -14.73 -8.13
N PRO B 110 1.02 -14.37 -7.54
CA PRO B 110 1.25 -12.99 -7.12
C PRO B 110 1.87 -12.16 -8.23
N ILE B 111 2.04 -10.87 -7.94
CA ILE B 111 2.68 -9.94 -8.86
C ILE B 111 4.14 -9.79 -8.44
N CYS B 112 4.97 -9.37 -9.40
CA CYS B 112 6.41 -9.22 -9.19
C CYS B 112 6.72 -7.73 -9.11
N LEU B 113 7.08 -7.26 -7.92
CA LEU B 113 7.34 -5.84 -7.74
C LEU B 113 8.59 -5.42 -8.50
N PRO B 114 8.56 -4.28 -9.19
CA PRO B 114 9.75 -3.82 -9.90
C PRO B 114 10.87 -3.45 -8.95
N GLU B 115 12.10 -3.60 -9.44
CA GLU B 115 13.28 -3.28 -8.66
C GLU B 115 13.75 -1.86 -8.96
N GLU B 116 14.78 -1.42 -8.24
CA GLU B 116 15.31 -0.09 -8.45
C GLU B 116 16.12 -0.02 -9.75
N ASN B 117 16.33 1.20 -10.23
CA ASN B 117 17.11 1.48 -11.44
C ASN B 117 16.54 0.74 -12.65
N GLN B 118 15.22 0.69 -12.75
CA GLN B 118 14.53 0.12 -13.89
C GLN B 118 13.88 1.24 -14.70
N VAL B 119 14.17 1.29 -15.99
CA VAL B 119 13.67 2.32 -16.89
C VAL B 119 12.83 1.67 -17.98
N PHE B 120 11.61 2.15 -18.15
CA PHE B 120 10.72 1.68 -19.20
C PHE B 120 10.49 2.79 -20.21
N PRO B 121 11.14 2.74 -21.39
CA PRO B 121 10.97 3.83 -22.35
C PRO B 121 9.56 3.88 -22.89
N PRO B 122 9.07 5.06 -23.27
CA PRO B 122 7.73 5.14 -23.83
C PRO B 122 7.64 4.44 -25.18
N GLY B 123 6.43 3.95 -25.48
CA GLY B 123 6.17 3.22 -26.69
C GLY B 123 6.06 1.71 -26.51
N ARG B 124 6.45 1.20 -25.35
CA ARG B 124 6.36 -0.23 -25.08
C ARG B 124 4.91 -0.62 -24.78
N ASN B 125 4.45 -1.70 -25.39
CA ASN B 125 3.09 -2.16 -25.17
C ASN B 125 2.96 -2.84 -23.82
N CYS B 126 1.94 -2.44 -23.06
CA CYS B 126 1.61 -3.08 -21.79
C CYS B 126 0.12 -3.40 -21.79
N SER B 127 -0.25 -4.42 -21.03
CA SER B 127 -1.62 -4.90 -21.02
C SER B 127 -2.40 -4.35 -19.83
N ILE B 128 -3.72 -4.23 -20.00
CA ILE B 128 -4.63 -3.76 -18.97
C ILE B 128 -5.84 -4.68 -18.94
N ALA B 129 -6.53 -4.67 -17.80
CA ALA B 129 -7.71 -5.50 -17.63
C ALA B 129 -8.59 -4.90 -16.55
N GLY B 130 -9.85 -5.35 -16.54
CA GLY B 130 -10.80 -4.89 -15.55
C GLY B 130 -12.20 -5.37 -15.88
N TRP B 131 -13.09 -5.12 -14.93
CA TRP B 131 -14.51 -5.47 -15.07
C TRP B 131 -15.39 -4.24 -15.26
N GLY B 132 -14.81 -3.15 -15.75
CA GLY B 132 -15.56 -1.92 -15.92
C GLY B 132 -16.51 -1.96 -17.11
N THR B 133 -17.31 -0.91 -17.23
CA THR B 133 -18.28 -0.82 -18.31
C THR B 133 -17.58 -0.58 -19.64
N VAL B 134 -18.27 -0.99 -20.71
CA VAL B 134 -17.75 -0.83 -22.07
C VAL B 134 -18.61 0.08 -22.92
N VAL B 135 -19.81 0.45 -22.49
CA VAL B 135 -20.69 1.35 -23.22
C VAL B 135 -20.74 2.74 -22.60
N TYR B 136 -20.00 2.98 -21.52
CA TYR B 136 -19.86 4.25 -20.82
C TYR B 136 -21.13 4.68 -20.11
N GLN B 137 -22.24 3.94 -20.25
CA GLN B 137 -23.47 4.26 -19.54
C GLN B 137 -24.18 3.00 -19.04
N GLY B 138 -23.41 1.97 -18.71
CA GLY B 138 -23.97 0.71 -18.26
C GLY B 138 -23.02 0.02 -17.31
N THR B 139 -23.15 -1.31 -17.22
CA THR B 139 -22.32 -2.13 -16.36
C THR B 139 -21.87 -3.37 -17.13
N THR B 140 -20.86 -4.05 -16.60
CA THR B 140 -20.32 -5.27 -17.19
C THR B 140 -20.61 -6.45 -16.27
N ALA B 141 -21.23 -7.49 -16.82
CA ALA B 141 -21.58 -8.70 -16.08
C ALA B 141 -21.14 -9.93 -16.86
N ASN B 142 -19.89 -9.90 -17.34
CA ASN B 142 -19.34 -10.98 -18.15
C ASN B 142 -17.93 -11.28 -17.65
N ILE B 143 -17.20 -12.08 -18.40
CA ILE B 143 -15.85 -12.51 -18.01
C ILE B 143 -14.90 -11.32 -18.10
N LEU B 144 -13.70 -11.49 -17.52
CA LEU B 144 -12.71 -10.43 -17.54
C LEU B 144 -12.28 -10.10 -18.97
N GLN B 145 -12.07 -8.82 -19.24
CA GLN B 145 -11.66 -8.35 -20.55
C GLN B 145 -10.26 -7.75 -20.47
N GLU B 146 -9.52 -7.84 -21.57
CA GLU B 146 -8.14 -7.40 -21.63
C GLU B 146 -7.91 -6.55 -22.87
N ALA B 147 -6.90 -5.68 -22.80
CA ALA B 147 -6.55 -4.81 -23.90
C ALA B 147 -5.10 -4.40 -23.75
N ASP B 148 -4.54 -3.88 -24.85
CA ASP B 148 -3.16 -3.41 -24.88
C ASP B 148 -3.12 -1.95 -25.28
N VAL B 149 -2.33 -1.14 -24.58
CA VAL B 149 -2.21 0.27 -24.85
C VAL B 149 -0.73 0.66 -24.87
N PRO B 150 -0.34 1.70 -25.60
CA PRO B 150 1.06 2.13 -25.61
C PRO B 150 1.40 2.95 -24.38
N LEU B 151 2.62 3.46 -24.34
CA LEU B 151 3.11 4.26 -23.23
C LEU B 151 3.45 5.66 -23.72
N LEU B 152 3.16 6.66 -22.89
CA LEU B 152 3.39 8.05 -23.24
C LEU B 152 4.25 8.71 -22.17
N SER B 153 4.99 9.73 -22.57
CA SER B 153 5.89 10.44 -21.68
C SER B 153 5.12 11.49 -20.86
N ASN B 154 5.79 12.00 -19.82
CA ASN B 154 5.19 13.01 -18.96
C ASN B 154 4.95 14.31 -19.72
N GLU B 155 5.91 14.73 -20.56
CA GLU B 155 5.75 15.96 -21.31
C GLU B 155 4.58 15.86 -22.29
N ARG B 156 4.45 14.72 -22.97
CA ARG B 156 3.32 14.53 -23.88
C ARG B 156 2.00 14.56 -23.12
N CYS B 157 1.96 13.94 -21.94
CA CYS B 157 0.74 13.94 -21.15
C CYS B 157 0.37 15.35 -20.70
N GLN B 158 1.37 16.14 -20.27
CA GLN B 158 1.10 17.52 -19.87
C GLN B 158 0.60 18.34 -21.05
N GLN B 159 1.20 18.16 -22.23
CA GLN B 159 0.78 18.91 -23.41
C GLN B 159 -0.64 18.54 -23.81
N GLN B 160 -0.98 17.25 -23.76
CA GLN B 160 -2.32 16.82 -24.18
C GLN B 160 -3.38 17.21 -23.15
N MET B 161 -3.06 17.15 -21.87
CA MET B 161 -4.00 17.48 -20.80
C MET B 161 -3.37 18.52 -19.88
N PRO B 162 -3.40 19.81 -20.27
CA PRO B 162 -2.88 20.88 -19.42
C PRO B 162 -3.88 21.40 -18.40
N GLU B 163 -4.49 20.48 -17.64
CA GLU B 163 -5.49 20.83 -16.65
C GLU B 163 -5.23 20.25 -15.27
N TYR B 164 -4.13 19.50 -15.10
CA TYR B 164 -3.80 18.87 -13.83
C TYR B 164 -2.31 18.99 -13.57
N ASN B 165 -1.93 18.92 -12.30
CA ASN B 165 -0.52 18.88 -11.90
C ASN B 165 0.03 17.47 -12.07
N ILE B 166 0.47 17.18 -13.29
CA ILE B 166 0.87 15.83 -13.70
C ILE B 166 2.08 15.35 -12.89
N THR B 167 3.06 16.23 -12.72
CA THR B 167 4.30 15.99 -11.97
C THR B 167 5.00 14.72 -12.43
N GLU B 168 5.96 14.23 -11.64
CA GLU B 168 6.77 13.08 -12.02
C GLU B 168 6.38 11.81 -11.28
N ASN B 169 5.27 11.83 -10.54
CA ASN B 169 4.80 10.66 -9.81
C ASN B 169 3.61 9.98 -10.48
N MET B 170 3.37 10.28 -11.76
CA MET B 170 2.24 9.72 -12.48
C MET B 170 2.71 9.17 -13.82
N ILE B 171 2.01 8.13 -14.27
CA ILE B 171 2.28 7.47 -15.55
C ILE B 171 1.06 7.62 -16.43
N CYS B 172 1.28 8.03 -17.68
CA CYS B 172 0.20 8.20 -18.65
C CYS B 172 0.33 7.19 -19.77
N ALA B 173 -0.80 6.68 -20.23
CA ALA B 173 -0.83 5.69 -21.31
C ALA B 173 -2.12 5.86 -22.09
N GLY B 174 -2.10 5.38 -23.33
CA GLY B 174 -3.26 5.43 -24.20
C GLY B 174 -2.91 5.81 -25.62
N TYR B 175 -3.72 5.34 -26.57
CA TYR B 175 -3.50 5.65 -27.97
C TYR B 175 -3.83 7.11 -28.26
N GLU B 176 -3.10 7.68 -29.23
CA GLU B 176 -3.33 9.06 -29.61
C GLU B 176 -4.70 9.23 -30.28
N GLU B 177 -5.15 8.23 -31.02
CA GLU B 177 -6.45 8.27 -31.69
C GLU B 177 -7.57 7.75 -30.83
N GLY B 178 -7.30 7.37 -29.58
CA GLY B 178 -8.36 6.90 -28.69
C GLY B 178 -8.80 5.48 -29.03
N GLY B 179 -10.08 5.23 -28.79
CA GLY B 179 -10.65 3.91 -29.02
C GLY B 179 -10.68 2.98 -27.83
N ILE B 180 -9.55 2.81 -27.15
CA ILE B 180 -9.44 1.95 -25.98
C ILE B 180 -9.01 2.80 -24.79
N ASP B 181 -9.79 2.74 -23.71
CA ASP B 181 -9.47 3.48 -22.49
C ASP B 181 -10.17 2.78 -21.34
N SER B 182 -9.38 2.21 -20.43
CA SER B 182 -9.91 1.41 -19.32
C SER B 182 -9.91 2.17 -18.01
N CYS B 183 -10.17 3.48 -18.05
CA CYS B 183 -10.19 4.31 -16.85
C CYS B 183 -11.59 4.46 -16.26
N GLN B 184 -12.59 3.77 -16.81
CA GLN B 184 -13.97 3.87 -16.36
C GLN B 184 -14.41 2.54 -15.74
N GLY B 185 -15.10 2.63 -14.61
CA GLY B 185 -15.63 1.46 -13.95
C GLY B 185 -14.70 0.84 -12.93
N ASP B 186 -13.62 0.23 -13.39
CA ASP B 186 -12.66 -0.45 -12.53
C ASP B 186 -11.45 0.46 -12.36
N ALA B 187 -11.36 1.10 -11.19
CA ALA B 187 -10.25 1.99 -10.88
C ALA B 187 -9.16 1.31 -10.07
N GLY B 188 -9.27 0.02 -9.81
CA GLY B 188 -8.27 -0.70 -9.05
C GLY B 188 -7.47 -1.67 -9.88
N GLY B 189 -7.71 -1.69 -11.19
CA GLY B 189 -7.02 -2.58 -12.09
C GLY B 189 -5.54 -2.27 -12.19
N PRO B 190 -4.72 -3.31 -12.27
CA PRO B 190 -3.27 -3.11 -12.37
C PRO B 190 -2.82 -2.85 -13.80
N LEU B 191 -1.69 -2.16 -13.90
CA LEU B 191 -1.00 -1.95 -15.18
C LEU B 191 0.16 -2.93 -15.26
N MET B 192 0.10 -3.84 -16.22
CA MET B 192 1.02 -4.96 -16.29
C MET B 192 1.87 -4.88 -17.56
N CYS B 193 3.18 -4.97 -17.40
CA CYS B 193 4.11 -5.07 -18.51
C CYS B 193 5.11 -6.18 -18.20
N GLN B 194 5.53 -6.90 -19.23
CA GLN B 194 6.37 -8.08 -19.06
C GLN B 194 7.80 -7.76 -19.48
N GLU B 195 8.72 -8.62 -19.04
CA GLU B 195 10.12 -8.49 -19.40
C GLU B 195 10.80 -9.86 -19.37
N ASN B 196 10.98 -10.47 -20.55
CA ASN B 196 11.61 -11.78 -20.68
C ASN B 196 10.89 -12.85 -19.86
N ASN B 197 9.64 -13.13 -20.23
CA ASN B 197 8.84 -14.20 -19.62
C ASN B 197 8.62 -13.97 -18.14
N ARG B 198 8.31 -12.74 -17.74
CA ARG B 198 7.93 -12.43 -16.37
C ARG B 198 7.20 -11.10 -16.33
N TRP B 199 5.97 -11.13 -15.82
CA TRP B 199 5.09 -9.96 -15.79
C TRP B 199 5.31 -9.20 -14.48
N PHE B 200 5.61 -7.91 -14.59
CA PHE B 200 5.81 -7.04 -13.44
C PHE B 200 4.62 -6.11 -13.29
N LEU B 201 4.66 -5.28 -12.25
CA LEU B 201 3.64 -4.27 -12.00
C LEU B 201 4.18 -2.91 -12.43
N ALA B 202 3.46 -2.23 -13.31
CA ALA B 202 3.88 -0.95 -13.85
C ALA B 202 3.13 0.23 -13.24
N GLY B 203 1.85 0.05 -12.92
CA GLY B 203 1.08 1.16 -12.37
C GLY B 203 -0.23 0.68 -11.79
N VAL B 204 -0.92 1.61 -11.14
CA VAL B 204 -2.22 1.37 -10.53
C VAL B 204 -3.22 2.33 -11.17
N THR B 205 -4.37 1.82 -11.55
CA THR B 205 -5.37 2.62 -12.24
C THR B 205 -5.78 3.82 -11.41
N SER B 206 -5.85 4.99 -12.03
CA SER B 206 -6.19 6.23 -11.35
C SER B 206 -7.27 6.98 -12.12
N PHE B 207 -7.50 8.24 -11.74
CA PHE B 207 -8.53 9.05 -12.37
C PHE B 207 -8.21 9.28 -13.85
N GLY B 208 -9.19 9.81 -14.57
CA GLY B 208 -9.03 10.11 -15.97
C GLY B 208 -10.04 11.15 -16.41
N TYR B 209 -9.66 11.93 -17.42
CA TYR B 209 -10.55 12.97 -17.93
C TYR B 209 -11.83 12.37 -18.50
N LYS B 210 -11.69 11.58 -19.57
CA LYS B 210 -12.83 10.92 -20.19
C LYS B 210 -12.36 9.83 -21.14
N CYS B 211 -12.91 8.64 -21.02
CA CYS B 211 -12.45 7.51 -21.81
C CYS B 211 -12.82 7.67 -23.27
N ALA B 212 -11.98 7.12 -24.15
CA ALA B 212 -12.14 7.05 -25.59
C ALA B 212 -12.03 8.40 -26.29
N LEU B 213 -11.87 9.49 -25.56
CA LEU B 213 -11.70 10.78 -26.22
C LEU B 213 -10.29 10.89 -26.79
N PRO B 214 -10.14 11.51 -27.97
CA PRO B 214 -8.82 11.63 -28.58
C PRO B 214 -7.87 12.46 -27.72
N ASN B 215 -6.60 12.06 -27.70
CA ASN B 215 -5.54 12.77 -26.98
C ASN B 215 -5.90 12.94 -25.50
N ARG B 216 -6.45 11.89 -24.91
CA ARG B 216 -6.81 11.86 -23.49
C ARG B 216 -6.21 10.63 -22.86
N PRO B 217 -4.91 10.67 -22.54
CA PRO B 217 -4.26 9.50 -21.93
C PRO B 217 -4.74 9.27 -20.51
N GLY B 218 -4.63 8.02 -20.07
CA GLY B 218 -4.99 7.68 -18.71
C GLY B 218 -3.94 8.12 -17.72
N VAL B 219 -4.25 7.91 -16.44
CA VAL B 219 -3.36 8.24 -15.33
C VAL B 219 -3.13 6.98 -14.51
N TYR B 220 -1.86 6.67 -14.25
CA TYR B 220 -1.50 5.52 -13.45
C TYR B 220 -0.44 5.92 -12.42
N ALA B 221 -0.52 5.33 -11.24
CA ALA B 221 0.39 5.67 -10.16
C ALA B 221 1.71 4.92 -10.30
N ARG B 222 2.80 5.63 -10.11
CA ARG B 222 4.13 5.03 -10.20
C ARG B 222 4.31 4.00 -9.10
N VAL B 223 4.96 2.88 -9.44
CA VAL B 223 5.23 1.81 -8.49
C VAL B 223 6.70 1.74 -8.09
N SER B 224 7.62 2.16 -8.96
CA SER B 224 9.04 2.10 -8.65
C SER B 224 9.42 3.01 -7.48
N ARG B 225 8.64 4.06 -7.22
CA ARG B 225 8.91 4.97 -6.13
C ARG B 225 8.22 4.57 -4.83
N PHE B 226 7.51 3.45 -4.82
CA PHE B 226 6.83 2.96 -3.61
C PHE B 226 7.19 1.52 -3.29
N THR B 227 8.22 0.96 -3.92
CA THR B 227 8.60 -0.43 -3.66
C THR B 227 9.07 -0.60 -2.22
N GLU B 228 9.87 0.34 -1.72
CA GLU B 228 10.39 0.24 -0.36
C GLU B 228 9.25 0.30 0.65
N TRP B 229 8.27 1.17 0.42
CA TRP B 229 7.15 1.29 1.35
C TRP B 229 6.36 -0.01 1.43
N ILE B 230 6.13 -0.67 0.28
CA ILE B 230 5.43 -1.94 0.28
C ILE B 230 6.25 -3.01 0.97
N GLN B 231 7.55 -3.10 0.65
CA GLN B 231 8.40 -4.12 1.23
C GLN B 231 8.64 -3.91 2.71
N SER B 232 8.39 -2.71 3.23
CA SER B 232 8.57 -2.46 4.65
C SER B 232 7.68 -3.36 5.50
N PHE B 233 6.42 -3.51 5.11
CA PHE B 233 5.48 -4.37 5.82
C PHE B 233 4.98 -5.53 4.96
N LEU B 234 5.68 -5.84 3.86
CA LEU B 234 5.30 -6.99 3.05
C LEU B 234 5.40 -8.29 3.85
N HIS B 235 6.49 -8.46 4.60
CA HIS B 235 6.71 -9.63 5.46
C HIS B 235 6.75 -10.95 4.69
#